data_4NSS
#
_entry.id   4NSS
#
_cell.length_a   50.050
_cell.length_b   50.050
_cell.length_c   205.570
_cell.angle_alpha   90.00
_cell.angle_beta   90.00
_cell.angle_gamma   90.00
#
_symmetry.space_group_name_H-M   'P 43 21 2'
#
loop_
_entity.id
_entity.type
_entity.pdbx_description
1 polymer 'Mycobacterial protein'
2 non-polymer GLYCEROL
3 water water
#
_entity_poly.entity_id   1
_entity_poly.type   'polypeptide(L)'
_entity_poly.pdbx_seq_one_letter_code
;MGSSHHHHHHSSGLVPRGSHMASRRSADPAKTLEAVSAVADWLRDPQRESPARAQLAEAVRLTARTLAAVAPGASVEVRV
PPFVAVQCISGPKHTRGTPPNVVETDARTWLLLATGLLDIADAGASVQMSGSRAAEVAHWLPVVRIDP
;
_entity_poly.pdbx_strand_id   A,B
#
loop_
_chem_comp.id
_chem_comp.type
_chem_comp.name
_chem_comp.formula
GOL non-polymer GLYCEROL 'C3 H8 O3'
#
# COMPACT_ATOMS: atom_id res chain seq x y z
N PRO A 29 -11.66 -5.93 7.88
CA PRO A 29 -12.60 -5.15 8.71
C PRO A 29 -14.06 -5.32 8.27
N ALA A 30 -14.92 -4.36 8.64
CA ALA A 30 -16.33 -4.24 8.24
C ALA A 30 -16.41 -3.77 6.79
N LYS A 31 -15.36 -3.05 6.32
CA LYS A 31 -15.23 -2.54 4.97
C LYS A 31 -14.94 -3.68 3.99
N THR A 32 -14.28 -4.76 4.45
CA THR A 32 -13.97 -5.96 3.66
C THR A 32 -15.28 -6.68 3.30
N LEU A 33 -16.18 -6.83 4.29
CA LEU A 33 -17.47 -7.48 4.13
C LEU A 33 -18.36 -6.65 3.16
N GLU A 34 -18.28 -5.31 3.23
CA GLU A 34 -19.02 -4.40 2.37
C GLU A 34 -18.57 -4.55 0.91
N ALA A 35 -17.24 -4.61 0.69
CA ALA A 35 -16.60 -4.77 -0.62
C ALA A 35 -16.89 -6.13 -1.26
N VAL A 36 -17.04 -7.19 -0.45
CA VAL A 36 -17.35 -8.55 -0.92
C VAL A 36 -18.84 -8.62 -1.32
N SER A 37 -19.74 -7.97 -0.53
CA SER A 37 -21.18 -7.93 -0.80
C SER A 37 -21.49 -7.27 -2.16
N ALA A 38 -20.75 -6.21 -2.53
CA ALA A 38 -20.89 -5.46 -3.78
C ALA A 38 -20.52 -6.30 -5.02
N VAL A 39 -19.82 -7.45 -4.84
CA VAL A 39 -19.42 -8.33 -5.94
C VAL A 39 -20.00 -9.77 -5.77
N ALA A 40 -20.64 -10.07 -4.61
CA ALA A 40 -21.18 -11.38 -4.23
C ALA A 40 -22.17 -11.99 -5.26
N ASP A 41 -23.10 -11.17 -5.76
CA ASP A 41 -24.11 -11.61 -6.75
C ASP A 41 -23.45 -12.15 -8.01
N TRP A 42 -22.42 -11.43 -8.50
CA TRP A 42 -21.62 -11.78 -9.68
C TRP A 42 -20.73 -13.02 -9.40
N LEU A 43 -20.24 -13.20 -8.15
CA LEU A 43 -19.43 -14.37 -7.79
C LEU A 43 -20.28 -15.65 -7.85
N ARG A 44 -21.53 -15.58 -7.33
CA ARG A 44 -22.49 -16.70 -7.33
C ARG A 44 -22.96 -17.04 -8.74
N ASP A 45 -23.22 -16.01 -9.57
CA ASP A 45 -23.66 -16.18 -10.95
C ASP A 45 -22.98 -15.14 -11.84
N PRO A 46 -22.06 -15.57 -12.76
CA PRO A 46 -21.36 -14.60 -13.62
C PRO A 46 -22.25 -13.89 -14.65
N GLN A 47 -23.45 -14.46 -14.94
CA GLN A 47 -24.42 -13.90 -15.88
C GLN A 47 -25.03 -12.61 -15.31
N ARG A 48 -24.81 -12.36 -14.00
CA ARG A 48 -25.27 -11.14 -13.34
C ARG A 48 -24.34 -9.98 -13.69
N GLU A 49 -24.80 -8.73 -13.49
CA GLU A 49 -24.04 -7.52 -13.83
C GLU A 49 -22.65 -7.57 -13.23
N SER A 50 -21.64 -7.47 -14.11
CA SER A 50 -20.22 -7.47 -13.74
C SER A 50 -19.88 -6.20 -12.94
N PRO A 51 -19.12 -6.31 -11.82
CA PRO A 51 -18.79 -5.08 -11.07
C PRO A 51 -17.77 -4.20 -11.82
N ALA A 52 -17.72 -2.90 -11.46
CA ALA A 52 -16.76 -1.96 -12.05
C ALA A 52 -15.35 -2.30 -11.57
N ARG A 53 -14.31 -1.91 -12.33
CA ARG A 53 -12.92 -2.15 -12.00
C ARG A 53 -12.62 -1.77 -10.54
N ALA A 54 -13.10 -0.59 -10.10
CA ALA A 54 -12.97 -0.01 -8.75
C ALA A 54 -13.51 -0.94 -7.64
N GLN A 55 -14.68 -1.60 -7.89
CA GLN A 55 -15.34 -2.54 -6.97
C GLN A 55 -14.53 -3.82 -6.86
N LEU A 56 -14.09 -4.33 -8.03
CA LEU A 56 -13.31 -5.57 -8.12
C LEU A 56 -11.94 -5.39 -7.47
N ALA A 57 -11.29 -4.23 -7.71
CA ALA A 57 -9.99 -3.83 -7.18
C ALA A 57 -9.99 -3.78 -5.65
N GLU A 58 -11.03 -3.16 -5.03
CA GLU A 58 -11.16 -3.05 -3.58
C GLU A 58 -11.45 -4.43 -2.94
N ALA A 59 -12.39 -5.22 -3.51
CA ALA A 59 -12.71 -6.56 -3.01
C ALA A 59 -11.45 -7.47 -3.06
N VAL A 60 -10.65 -7.41 -4.16
CA VAL A 60 -9.41 -8.18 -4.28
C VAL A 60 -8.37 -7.73 -3.21
N ARG A 61 -8.11 -6.38 -3.12
CA ARG A 61 -7.13 -5.82 -2.19
C ARG A 61 -7.43 -6.10 -0.71
N LEU A 62 -8.70 -5.86 -0.29
CA LEU A 62 -9.10 -6.07 1.09
C LEU A 62 -9.10 -7.54 1.51
N THR A 63 -9.44 -8.50 0.59
CA THR A 63 -9.42 -9.93 0.96
C THR A 63 -7.97 -10.46 1.03
N ALA A 64 -7.09 -9.99 0.14
CA ALA A 64 -5.68 -10.37 0.14
C ALA A 64 -4.97 -9.83 1.37
N ARG A 65 -5.28 -8.57 1.74
CA ARG A 65 -4.72 -7.93 2.92
C ARG A 65 -5.22 -8.57 4.20
N THR A 66 -6.41 -9.23 4.16
CA THR A 66 -6.97 -9.97 5.29
C THR A 66 -6.16 -11.24 5.50
N LEU A 67 -5.80 -11.91 4.38
CA LEU A 67 -4.98 -13.12 4.39
C LEU A 67 -3.60 -12.81 5.00
N ALA A 68 -2.98 -11.70 4.60
CA ALA A 68 -1.68 -11.22 5.10
C ALA A 68 -1.74 -10.88 6.59
N ALA A 69 -2.94 -10.47 7.09
CA ALA A 69 -3.17 -10.14 8.52
C ALA A 69 -3.35 -11.40 9.41
N VAL A 70 -4.18 -12.37 8.98
CA VAL A 70 -4.50 -13.60 9.74
C VAL A 70 -3.32 -14.58 9.74
N ALA A 71 -2.47 -14.49 8.70
CA ALA A 71 -1.29 -15.34 8.58
C ALA A 71 -0.05 -14.48 8.24
N PRO A 72 0.49 -13.70 9.22
CA PRO A 72 1.66 -12.85 8.93
C PRO A 72 2.91 -13.65 8.53
N GLY A 73 3.77 -13.04 7.73
CA GLY A 73 5.01 -13.65 7.27
C GLY A 73 5.39 -13.25 5.86
N ALA A 74 6.49 -13.81 5.37
CA ALA A 74 6.93 -13.52 4.00
C ALA A 74 7.41 -14.81 3.28
N SER A 75 6.83 -15.96 3.65
CA SER A 75 7.14 -17.25 3.01
C SER A 75 6.46 -17.35 1.64
N VAL A 76 5.19 -16.89 1.53
CA VAL A 76 4.43 -17.00 0.28
C VAL A 76 3.99 -15.64 -0.22
N GLU A 77 4.07 -15.43 -1.54
CA GLU A 77 3.58 -14.24 -2.19
C GLU A 77 2.32 -14.60 -3.01
N VAL A 78 1.19 -13.97 -2.69
CA VAL A 78 -0.08 -14.17 -3.41
C VAL A 78 -0.20 -12.99 -4.39
N ARG A 79 -0.23 -13.30 -5.71
CA ARG A 79 -0.34 -12.30 -6.77
C ARG A 79 -1.65 -12.46 -7.46
N VAL A 80 -2.41 -11.37 -7.52
CA VAL A 80 -3.70 -11.30 -8.20
C VAL A 80 -3.59 -10.12 -9.19
N PRO A 81 -2.93 -10.30 -10.37
CA PRO A 81 -2.82 -9.18 -11.33
C PRO A 81 -4.17 -8.80 -11.94
N PRO A 82 -4.40 -7.51 -12.20
CA PRO A 82 -3.49 -6.37 -12.04
C PRO A 82 -3.72 -5.56 -10.76
N PHE A 83 -4.41 -6.16 -9.77
CA PHE A 83 -4.87 -5.48 -8.58
C PHE A 83 -3.97 -5.55 -7.36
N VAL A 84 -3.41 -6.72 -7.02
CA VAL A 84 -2.62 -6.79 -5.79
C VAL A 84 -1.57 -7.90 -5.81
N ALA A 85 -0.60 -7.77 -4.90
CA ALA A 85 0.46 -8.71 -4.54
C ALA A 85 0.70 -8.57 -3.03
N VAL A 86 0.47 -9.65 -2.25
CA VAL A 86 0.66 -9.64 -0.77
C VAL A 86 1.58 -10.78 -0.35
N GLN A 87 2.27 -10.61 0.79
CA GLN A 87 3.17 -11.60 1.40
C GLN A 87 2.53 -12.13 2.69
N CYS A 88 2.59 -13.45 2.92
CA CYS A 88 1.98 -14.11 4.06
C CYS A 88 2.67 -15.43 4.40
N ILE A 89 2.21 -16.08 5.49
CA ILE A 89 2.61 -17.39 6.02
C ILE A 89 4.03 -17.36 6.63
N SER A 90 4.16 -17.91 7.85
CA SER A 90 5.36 -17.95 8.70
C SER A 90 6.52 -18.77 8.13
N GLY A 91 7.73 -18.44 8.59
CA GLY A 91 8.97 -19.08 8.20
C GLY A 91 10.19 -18.34 8.73
N GLY A 97 14.24 -9.84 -0.40
CA GLY A 97 13.39 -9.68 -1.58
C GLY A 97 12.17 -10.57 -1.59
N THR A 98 11.57 -10.76 -2.80
CA THR A 98 10.38 -11.56 -3.16
C THR A 98 10.40 -12.99 -2.51
N PRO A 99 9.26 -13.44 -1.92
CA PRO A 99 9.23 -14.79 -1.30
C PRO A 99 9.51 -15.93 -2.30
N PRO A 100 10.08 -17.07 -1.84
CA PRO A 100 10.40 -18.17 -2.77
C PRO A 100 9.18 -18.94 -3.25
N ASN A 101 8.03 -18.78 -2.54
CA ASN A 101 6.75 -19.41 -2.88
C ASN A 101 5.83 -18.38 -3.47
N VAL A 102 5.23 -18.68 -4.61
CA VAL A 102 4.33 -17.79 -5.32
C VAL A 102 3.02 -18.55 -5.66
N VAL A 103 1.91 -17.91 -5.40
CA VAL A 103 0.56 -18.32 -5.74
C VAL A 103 0.04 -17.22 -6.68
N GLU A 104 -0.25 -17.55 -7.93
CA GLU A 104 -0.72 -16.54 -8.87
C GLU A 104 -2.05 -16.95 -9.48
N THR A 105 -3.02 -16.02 -9.46
CA THR A 105 -4.36 -16.24 -9.99
C THR A 105 -5.00 -14.89 -10.40
N ASP A 106 -6.10 -14.96 -11.15
CA ASP A 106 -6.91 -13.83 -11.60
C ASP A 106 -7.90 -13.40 -10.48
N ALA A 107 -8.45 -12.17 -10.59
CA ALA A 107 -9.36 -11.55 -9.62
C ALA A 107 -10.59 -12.38 -9.28
N ARG A 108 -11.26 -12.98 -10.31
CA ARG A 108 -12.47 -13.77 -10.08
C ARG A 108 -12.14 -15.05 -9.28
N THR A 109 -11.16 -15.85 -9.76
CA THR A 109 -10.73 -17.07 -9.04
C THR A 109 -10.34 -16.72 -7.60
N TRP A 110 -9.53 -15.67 -7.39
CA TRP A 110 -9.10 -15.27 -6.05
C TRP A 110 -10.29 -15.02 -5.14
N LEU A 111 -11.26 -14.21 -5.57
CA LEU A 111 -12.47 -13.90 -4.79
C LEU A 111 -13.37 -15.14 -4.58
N LEU A 112 -13.33 -16.14 -5.48
CA LEU A 112 -14.08 -17.39 -5.27
C LEU A 112 -13.41 -18.22 -4.17
N LEU A 113 -12.08 -18.25 -4.16
CA LEU A 113 -11.26 -18.93 -3.16
C LEU A 113 -11.41 -18.22 -1.80
N ALA A 114 -11.25 -16.89 -1.78
CA ALA A 114 -11.34 -16.04 -0.59
C ALA A 114 -12.72 -16.11 0.12
N THR A 115 -13.81 -16.37 -0.64
CA THR A 115 -15.17 -16.43 -0.09
C THR A 115 -15.65 -17.89 0.16
N GLY A 116 -14.84 -18.86 -0.27
CA GLY A 116 -15.12 -20.28 -0.09
C GLY A 116 -16.07 -20.89 -1.11
N LEU A 117 -16.33 -20.17 -2.22
CA LEU A 117 -17.21 -20.66 -3.28
C LEU A 117 -16.48 -21.70 -4.13
N LEU A 118 -15.13 -21.67 -4.10
CA LEU A 118 -14.26 -22.62 -4.79
C LEU A 118 -13.16 -23.13 -3.83
N ASP A 119 -12.81 -24.42 -3.95
CA ASP A 119 -11.73 -25.03 -3.18
C ASP A 119 -10.50 -24.99 -4.06
N ILE A 120 -9.34 -24.69 -3.47
CA ILE A 120 -8.06 -24.58 -4.16
C ILE A 120 -7.67 -25.91 -4.84
N ALA A 121 -8.22 -27.05 -4.35
CA ALA A 121 -8.01 -28.39 -4.92
C ALA A 121 -8.77 -28.53 -6.24
N ASP A 122 -9.95 -27.88 -6.31
CA ASP A 122 -10.82 -27.89 -7.49
C ASP A 122 -10.45 -26.79 -8.48
N ALA A 123 -9.51 -25.89 -8.10
CA ALA A 123 -9.14 -24.71 -8.89
C ALA A 123 -8.41 -25.05 -10.21
N GLY A 124 -7.56 -26.08 -10.20
CA GLY A 124 -6.81 -26.48 -11.39
C GLY A 124 -5.79 -25.47 -11.87
N ALA A 125 -5.56 -25.41 -13.19
CA ALA A 125 -4.59 -24.55 -13.86
C ALA A 125 -4.89 -23.04 -13.73
N SER A 126 -6.10 -22.65 -13.23
CA SER A 126 -6.47 -21.26 -13.01
C SER A 126 -5.60 -20.63 -11.90
N VAL A 127 -5.08 -21.47 -10.95
CA VAL A 127 -4.18 -21.05 -9.88
C VAL A 127 -2.80 -21.60 -10.21
N GLN A 128 -1.82 -20.73 -10.44
CA GLN A 128 -0.47 -21.18 -10.73
C GLN A 128 0.39 -21.12 -9.48
N MET A 129 1.05 -22.22 -9.17
CA MET A 129 1.85 -22.30 -7.95
C MET A 129 3.30 -22.65 -8.23
N SER A 130 4.18 -22.03 -7.45
CA SER A 130 5.64 -22.16 -7.51
C SER A 130 6.18 -22.29 -6.09
N GLY A 131 7.10 -23.23 -5.88
CA GLY A 131 7.71 -23.47 -4.57
C GLY A 131 7.06 -24.61 -3.79
N SER A 132 7.76 -25.10 -2.75
CA SER A 132 7.33 -26.23 -1.94
C SER A 132 6.16 -25.94 -0.97
N ARG A 133 5.98 -24.68 -0.56
CA ARG A 133 4.98 -24.32 0.45
C ARG A 133 3.84 -23.44 -0.05
N ALA A 134 3.71 -23.22 -1.36
CA ALA A 134 2.67 -22.37 -1.96
C ALA A 134 1.25 -22.82 -1.53
N ALA A 135 1.00 -24.15 -1.55
CA ALA A 135 -0.28 -24.80 -1.23
C ALA A 135 -0.70 -24.62 0.24
N GLU A 136 0.16 -24.02 1.10
CA GLU A 136 -0.18 -23.77 2.51
C GLU A 136 -1.27 -22.69 2.63
N VAL A 137 -1.49 -21.88 1.56
CA VAL A 137 -2.55 -20.86 1.53
C VAL A 137 -3.92 -21.51 1.78
N ALA A 138 -4.08 -22.79 1.35
CA ALA A 138 -5.27 -23.63 1.53
C ALA A 138 -5.73 -23.71 3.00
N HIS A 139 -4.79 -23.67 3.96
CA HIS A 139 -5.15 -23.72 5.38
C HIS A 139 -5.77 -22.42 5.87
N TRP A 140 -5.65 -21.33 5.10
CA TRP A 140 -6.13 -20.02 5.48
C TRP A 140 -7.30 -19.55 4.61
N LEU A 141 -7.86 -20.43 3.76
CA LEU A 141 -9.02 -20.10 2.92
C LEU A 141 -10.25 -20.89 3.41
N PRO A 142 -11.49 -20.31 3.46
CA PRO A 142 -11.88 -18.95 3.05
C PRO A 142 -11.50 -17.90 4.09
N VAL A 143 -11.29 -16.67 3.64
CA VAL A 143 -10.91 -15.56 4.53
C VAL A 143 -12.18 -14.79 4.97
N VAL A 144 -13.25 -14.89 4.17
CA VAL A 144 -14.58 -14.29 4.36
C VAL A 144 -15.61 -15.33 3.94
N ARG A 145 -16.35 -15.92 4.86
CA ARG A 145 -17.36 -16.90 4.49
C ARG A 145 -18.61 -16.17 4.00
N ILE A 146 -19.04 -16.47 2.75
CA ILE A 146 -20.22 -15.86 2.14
C ILE A 146 -21.32 -16.94 2.00
N ASP A 147 -22.60 -16.52 1.95
CA ASP A 147 -23.71 -17.45 1.73
C ASP A 147 -23.58 -18.10 0.34
N PRO A 148 -23.77 -19.43 0.19
CA PRO A 148 -23.59 -20.05 -1.13
C PRO A 148 -24.83 -19.92 -2.02
N ASP B 28 20.54 6.75 -5.83
CA ASP B 28 19.59 7.64 -5.18
C ASP B 28 18.12 7.34 -5.62
N PRO B 29 17.71 7.26 -6.92
CA PRO B 29 16.28 7.02 -7.20
C PRO B 29 15.81 5.59 -6.93
N ALA B 30 16.63 4.58 -7.24
CA ALA B 30 16.24 3.18 -7.01
C ALA B 30 16.30 2.86 -5.51
N LYS B 31 17.21 3.53 -4.76
CA LYS B 31 17.39 3.38 -3.32
C LYS B 31 16.22 4.03 -2.56
N THR B 32 15.62 5.08 -3.13
CA THR B 32 14.48 5.80 -2.56
C THR B 32 13.26 4.86 -2.56
N LEU B 33 13.04 4.16 -3.69
CA LEU B 33 11.94 3.22 -3.86
C LEU B 33 12.09 2.03 -2.90
N GLU B 34 13.34 1.57 -2.67
CA GLU B 34 13.67 0.47 -1.74
C GLU B 34 13.31 0.87 -0.30
N ALA B 35 13.71 2.10 0.10
CA ALA B 35 13.48 2.67 1.43
C ALA B 35 11.96 2.92 1.71
N VAL B 36 11.18 3.26 0.68
CA VAL B 36 9.74 3.50 0.80
C VAL B 36 9.02 2.12 0.93
N SER B 37 9.45 1.11 0.19
CA SER B 37 8.88 -0.25 0.22
C SER B 37 9.00 -0.88 1.64
N ALA B 38 10.13 -0.63 2.32
CA ALA B 38 10.42 -1.14 3.69
C ALA B 38 9.49 -0.52 4.76
N VAL B 39 8.78 0.58 4.43
CA VAL B 39 7.86 1.24 5.37
C VAL B 39 6.40 1.30 4.79
N ALA B 40 6.20 0.89 3.52
CA ALA B 40 4.93 0.96 2.78
C ALA B 40 3.76 0.25 3.48
N ASP B 41 3.98 -0.96 4.01
CA ASP B 41 2.93 -1.74 4.70
C ASP B 41 2.37 -0.98 5.89
N TRP B 42 3.26 -0.35 6.68
CA TRP B 42 2.96 0.46 7.85
C TRP B 42 2.27 1.79 7.44
N LEU B 43 2.65 2.38 6.29
CA LEU B 43 2.01 3.60 5.80
C LEU B 43 0.54 3.34 5.43
N ARG B 44 0.27 2.23 4.72
CA ARG B 44 -1.08 1.81 4.30
C ARG B 44 -1.97 1.49 5.51
N ASP B 45 -1.39 0.95 6.62
CA ASP B 45 -2.12 0.61 7.85
C ASP B 45 -1.20 0.78 9.10
N PRO B 46 -1.59 1.69 10.03
CA PRO B 46 -0.76 1.93 11.23
C PRO B 46 -0.86 0.84 12.33
N GLN B 47 -1.49 -0.32 12.02
CA GLN B 47 -1.62 -1.46 12.93
C GLN B 47 -0.55 -2.52 12.60
N ARG B 48 0.10 -2.38 11.44
CA ARG B 48 1.18 -3.27 10.99
C ARG B 48 2.48 -2.91 11.73
N GLU B 49 3.46 -3.83 11.76
CA GLU B 49 4.73 -3.65 12.46
C GLU B 49 5.38 -2.33 12.08
N SER B 50 5.62 -1.49 13.09
CA SER B 50 6.26 -0.18 12.96
C SER B 50 7.73 -0.35 12.53
N PRO B 51 8.24 0.46 11.58
CA PRO B 51 9.64 0.29 11.17
C PRO B 51 10.62 0.81 12.24
N ALA B 52 11.88 0.36 12.16
CA ALA B 52 12.93 0.82 13.06
C ALA B 52 13.31 2.26 12.71
N ARG B 53 13.86 3.00 13.69
CA ARG B 53 14.31 4.37 13.51
C ARG B 53 15.12 4.54 12.21
N ALA B 54 16.09 3.62 11.95
CA ALA B 54 16.99 3.58 10.78
C ALA B 54 16.22 3.52 9.45
N GLN B 55 15.12 2.73 9.39
CA GLN B 55 14.25 2.57 8.21
C GLN B 55 13.45 3.85 7.96
N LEU B 56 12.89 4.39 9.04
CA LEU B 56 12.08 5.59 9.02
C LEU B 56 12.92 6.80 8.61
N ALA B 57 14.14 6.90 9.17
CA ALA B 57 15.14 7.95 8.93
C ALA B 57 15.55 8.00 7.46
N GLU B 58 15.85 6.84 6.84
CA GLU B 58 16.26 6.76 5.44
C GLU B 58 15.09 7.09 4.49
N ALA B 59 13.87 6.54 4.75
CA ALA B 59 12.69 6.82 3.94
C ALA B 59 12.33 8.34 4.00
N VAL B 60 12.44 8.97 5.18
CA VAL B 60 12.19 10.42 5.34
C VAL B 60 13.27 11.24 4.58
N ARG B 61 14.58 10.94 4.83
CA ARG B 61 15.69 11.66 4.20
C ARG B 61 15.68 11.56 2.67
N LEU B 62 15.55 10.34 2.11
CA LEU B 62 15.57 10.15 0.66
C LEU B 62 14.37 10.78 -0.04
N THR B 63 13.16 10.81 0.57
CA THR B 63 11.99 11.44 -0.06
C THR B 63 12.09 12.96 -0.02
N ALA B 64 12.63 13.51 1.08
CA ALA B 64 12.81 14.97 1.23
C ALA B 64 13.88 15.47 0.28
N ARG B 65 14.96 14.71 0.13
CA ARG B 65 16.06 15.04 -0.78
C ARG B 65 15.62 14.92 -2.25
N THR B 66 14.59 14.08 -2.53
CA THR B 66 14.03 13.95 -3.89
C THR B 66 13.24 15.23 -4.20
N LEU B 67 12.48 15.75 -3.20
CA LEU B 67 11.71 16.98 -3.33
C LEU B 67 12.64 18.17 -3.63
N ALA B 68 13.76 18.28 -2.90
CA ALA B 68 14.79 19.30 -3.07
C ALA B 68 15.46 19.20 -4.45
N ALA B 69 15.52 17.99 -5.05
CA ALA B 69 16.11 17.74 -6.38
C ALA B 69 15.17 18.14 -7.54
N VAL B 70 13.87 17.72 -7.48
CA VAL B 70 12.86 17.98 -8.53
C VAL B 70 12.43 19.46 -8.53
N ALA B 71 12.54 20.13 -7.37
CA ALA B 71 12.19 21.54 -7.24
C ALA B 71 13.31 22.30 -6.51
N PRO B 72 14.46 22.55 -7.18
CA PRO B 72 15.56 23.28 -6.53
C PRO B 72 15.19 24.72 -6.14
N GLY B 73 15.83 25.21 -5.09
CA GLY B 73 15.63 26.57 -4.59
C GLY B 73 15.76 26.66 -3.08
N ALA B 74 15.53 27.85 -2.54
CA ALA B 74 15.60 28.05 -1.09
C ALA B 74 14.44 28.93 -0.59
N SER B 75 13.29 28.89 -1.30
CA SER B 75 12.09 29.64 -0.92
C SER B 75 11.37 28.97 0.26
N VAL B 76 11.30 27.62 0.27
CA VAL B 76 10.60 26.88 1.33
C VAL B 76 11.54 25.90 2.02
N GLU B 77 11.41 25.81 3.34
CA GLU B 77 12.15 24.83 4.13
C GLU B 77 11.16 23.78 4.64
N VAL B 78 11.38 22.51 4.28
CA VAL B 78 10.55 21.39 4.74
C VAL B 78 11.30 20.73 5.92
N ARG B 79 10.68 20.74 7.10
CA ARG B 79 11.25 20.17 8.32
C ARG B 79 10.45 18.98 8.75
N VAL B 80 11.14 17.86 8.91
CA VAL B 80 10.56 16.61 9.38
C VAL B 80 11.42 16.18 10.61
N PRO B 81 11.19 16.76 11.81
CA PRO B 81 12.01 16.37 12.96
C PRO B 81 11.70 14.95 13.43
N PRO B 82 12.72 14.22 13.93
CA PRO B 82 14.13 14.63 14.14
C PRO B 82 15.08 14.16 13.03
N PHE B 83 14.53 13.82 11.86
CA PHE B 83 15.26 13.21 10.76
C PHE B 83 15.85 14.15 9.73
N VAL B 84 15.10 15.16 9.26
CA VAL B 84 15.63 15.99 8.18
C VAL B 84 14.98 17.37 8.12
N ALA B 85 15.69 18.27 7.41
CA ALA B 85 15.34 19.63 7.05
C ALA B 85 15.94 19.90 5.67
N VAL B 86 15.09 20.16 4.65
CA VAL B 86 15.55 20.41 3.28
C VAL B 86 14.98 21.76 2.77
N GLN B 87 15.68 22.40 1.82
CA GLN B 87 15.27 23.65 1.18
C GLN B 87 14.91 23.36 -0.27
N CYS B 88 13.80 23.96 -0.75
CA CYS B 88 13.28 23.72 -2.10
C CYS B 88 12.42 24.92 -2.60
N ILE B 89 11.91 24.80 -3.85
CA ILE B 89 11.02 25.74 -4.56
C ILE B 89 11.76 27.04 -4.91
N SER B 90 11.62 27.46 -6.20
CA SER B 90 12.22 28.67 -6.77
C SER B 90 11.60 29.92 -6.18
N GLY B 91 10.26 29.92 -6.08
CA GLY B 91 9.44 30.98 -5.49
C GLY B 91 9.90 32.40 -5.76
N THR B 98 18.39 32.33 5.15
CA THR B 98 17.46 31.30 5.62
C THR B 98 16.07 31.50 4.92
N PRO B 99 15.31 30.40 4.59
CA PRO B 99 14.02 30.58 3.88
C PRO B 99 12.89 31.21 4.71
N PRO B 100 12.08 32.11 4.10
CA PRO B 100 10.94 32.72 4.83
C PRO B 100 9.67 31.83 4.89
N ASN B 101 9.60 30.77 4.06
CA ASN B 101 8.46 29.84 4.05
C ASN B 101 8.85 28.55 4.74
N VAL B 102 7.99 28.06 5.65
CA VAL B 102 8.28 26.83 6.40
C VAL B 102 7.10 25.87 6.34
N VAL B 103 7.40 24.58 6.11
CA VAL B 103 6.47 23.46 6.17
C VAL B 103 7.04 22.51 7.22
N GLU B 104 6.31 22.31 8.30
CA GLU B 104 6.80 21.42 9.35
C GLU B 104 5.78 20.32 9.63
N THR B 105 6.28 19.10 9.72
CA THR B 105 5.45 17.92 10.01
C THR B 105 6.28 16.78 10.61
N ASP B 106 5.61 15.72 11.06
CA ASP B 106 6.21 14.50 11.63
C ASP B 106 6.51 13.50 10.49
N ALA B 107 7.39 12.50 10.74
CA ALA B 107 7.84 11.49 9.80
C ALA B 107 6.72 10.71 9.10
N ARG B 108 5.68 10.29 9.86
CA ARG B 108 4.56 9.52 9.29
C ARG B 108 3.76 10.38 8.29
N THR B 109 3.31 11.57 8.71
CA THR B 109 2.56 12.49 7.86
C THR B 109 3.38 12.79 6.60
N TRP B 110 4.68 13.13 6.75
CA TRP B 110 5.54 13.45 5.61
C TRP B 110 5.53 12.31 4.59
N LEU B 111 5.78 11.07 5.02
CA LEU B 111 5.80 9.90 4.15
C LEU B 111 4.44 9.58 3.54
N LEU B 112 3.32 9.97 4.19
CA LEU B 112 1.97 9.80 3.60
C LEU B 112 1.76 10.81 2.47
N LEU B 113 2.24 12.04 2.67
CA LEU B 113 2.20 13.12 1.68
C LEU B 113 3.11 12.77 0.49
N ALA B 114 4.38 12.34 0.74
CA ALA B 114 5.40 11.97 -0.27
C ALA B 114 4.96 10.79 -1.18
N THR B 115 4.16 9.87 -0.66
CA THR B 115 3.73 8.68 -1.37
C THR B 115 2.34 8.87 -1.95
N GLY B 116 1.66 9.96 -1.62
CA GLY B 116 0.33 10.26 -2.15
C GLY B 116 -0.84 9.60 -1.45
N LEU B 117 -0.61 8.97 -0.27
CA LEU B 117 -1.69 8.34 0.53
C LEU B 117 -2.53 9.39 1.23
N LEU B 118 -1.97 10.60 1.35
CA LEU B 118 -2.61 11.73 2.00
C LEU B 118 -2.35 12.97 1.15
N ASP B 119 -3.42 13.70 0.82
CA ASP B 119 -3.33 14.97 0.10
C ASP B 119 -3.06 16.04 1.17
N ILE B 120 -2.27 17.06 0.83
CA ILE B 120 -1.88 18.16 1.74
C ILE B 120 -3.11 18.90 2.33
N ALA B 121 -4.19 19.06 1.51
CA ALA B 121 -5.46 19.75 1.87
C ALA B 121 -6.23 19.00 2.94
N ASP B 122 -6.04 17.66 3.01
CA ASP B 122 -6.71 16.81 4.01
C ASP B 122 -5.82 16.56 5.24
N ALA B 123 -4.57 17.06 5.21
CA ALA B 123 -3.60 16.86 6.30
C ALA B 123 -3.96 17.58 7.62
N GLY B 124 -4.57 18.76 7.54
CA GLY B 124 -4.96 19.53 8.72
C GLY B 124 -3.80 20.07 9.52
N ALA B 125 -4.01 20.20 10.83
CA ALA B 125 -3.05 20.75 11.79
C ALA B 125 -1.76 19.89 11.96
N SER B 126 -1.75 18.65 11.42
CA SER B 126 -0.56 17.77 11.44
C SER B 126 0.59 18.38 10.60
N VAL B 127 0.27 19.23 9.58
CA VAL B 127 1.24 19.97 8.77
C VAL B 127 1.17 21.43 9.19
N GLN B 128 2.25 21.97 9.76
CA GLN B 128 2.26 23.37 10.17
C GLN B 128 2.95 24.19 9.12
N MET B 129 2.29 25.28 8.71
CA MET B 129 2.82 26.13 7.65
C MET B 129 2.96 27.57 8.10
N SER B 130 4.05 28.18 7.65
CA SER B 130 4.44 29.56 7.92
C SER B 130 4.95 30.16 6.60
N GLY B 131 4.52 31.37 6.28
CA GLY B 131 4.92 32.06 5.06
C GLY B 131 3.94 31.84 3.92
N SER B 132 3.70 32.90 3.12
CA SER B 132 2.76 33.01 2.01
C SER B 132 2.88 31.92 0.93
N ARG B 133 4.07 31.31 0.75
CA ARG B 133 4.33 30.33 -0.32
C ARG B 133 4.60 28.92 0.17
N ALA B 134 4.39 28.62 1.47
CA ALA B 134 4.61 27.28 2.02
C ALA B 134 3.79 26.18 1.28
N ALA B 135 2.52 26.49 0.95
CA ALA B 135 1.55 25.61 0.27
C ALA B 135 1.97 25.25 -1.15
N GLU B 136 3.04 25.85 -1.70
CA GLU B 136 3.53 25.53 -3.04
C GLU B 136 4.13 24.12 -3.11
N VAL B 137 4.47 23.53 -1.93
CA VAL B 137 4.99 22.15 -1.86
C VAL B 137 3.98 21.16 -2.47
N ALA B 138 2.66 21.49 -2.37
CA ALA B 138 1.51 20.76 -2.89
C ALA B 138 1.66 20.45 -4.39
N HIS B 139 2.29 21.35 -5.16
CA HIS B 139 2.48 21.12 -6.61
C HIS B 139 3.52 20.05 -6.89
N TRP B 140 4.34 19.70 -5.89
CA TRP B 140 5.43 18.75 -6.05
C TRP B 140 5.19 17.43 -5.31
N LEU B 141 3.98 17.22 -4.77
CA LEU B 141 3.65 15.99 -4.06
C LEU B 141 2.61 15.22 -4.89
N PRO B 142 2.68 13.87 -4.98
CA PRO B 142 3.63 12.96 -4.31
C PRO B 142 4.98 12.94 -5.02
N VAL B 143 6.03 12.56 -4.31
CA VAL B 143 7.37 12.46 -4.89
C VAL B 143 7.69 11.00 -5.30
N VAL B 144 7.02 10.00 -4.69
CA VAL B 144 7.15 8.56 -4.95
C VAL B 144 5.72 7.96 -4.92
N ARG B 145 5.16 7.61 -6.06
CA ARG B 145 3.81 7.03 -6.04
C ARG B 145 3.91 5.54 -5.74
N ILE B 146 3.14 5.07 -4.73
CA ILE B 146 3.13 3.65 -4.37
C ILE B 146 1.76 3.04 -4.69
N ASP B 147 1.72 1.69 -4.75
CA ASP B 147 0.54 0.88 -5.00
C ASP B 147 -0.53 1.12 -3.89
N PRO B 148 -1.84 1.15 -4.22
CA PRO B 148 -2.85 1.40 -3.17
C PRO B 148 -3.25 0.13 -2.40
C1 GOL C . 15.32 18.63 16.29
O1 GOL C . 15.36 17.76 15.16
C2 GOL C . 16.55 19.50 16.33
O2 GOL C . 16.60 20.32 15.16
C3 GOL C . 16.55 20.37 17.57
O3 GOL C . 17.81 20.99 17.76
C1 GOL D . 18.13 18.40 12.03
O1 GOL D . 18.32 18.51 13.44
C2 GOL D . 16.67 18.35 11.67
O2 GOL D . 16.00 17.38 12.49
C3 GOL D . 15.99 19.70 11.82
O3 GOL D . 14.62 19.61 11.42
#